data_8ZXN
#
_entry.id   8ZXN
#
_cell.length_a   1.00
_cell.length_b   1.00
_cell.length_c   1.00
_cell.angle_alpha   90.00
_cell.angle_beta   90.00
_cell.angle_gamma   90.00
#
_symmetry.space_group_name_H-M   'P 1'
#
loop_
_entity.id
_entity.type
_entity.pdbx_description
1 polymer 'Solute carrier family 2, facilitated glucose transporter member 9'
2 branched 2-acetamido-2-deoxy-beta-D-glucopyranose-(1-4)-2-acetamido-2-deoxy-beta-D-glucopyranose
#
_entity_poly.entity_id   1
_entity_poly.type   'polypeptide(L)'
_entity_poly.pdbx_seq_one_letter_code
;MARKQNRNSKELGLVPLTDDTSHAGPPGPGRALLECDHLRSGVPGGRRRKDWSCSLLVASLAGAFGSSFLYGYNLSVVNA
PTPYIKAFYNESWERRHGRPIDPDTLTLLWSVTVSIFAIGGLVGTLIVKMIGKVLGRKHTLLANNGFAISAALLMACSLQ
AGAFEMLIVGRFIMGIDGGVALSVLPMYLSEISPKEIRGSLGQVTAIFICIGVFTGQLLGLPELLGKESTWPYLFGVIVV
PAVVQLLSLPFLPDSPRYLLLEKHNEARAVKAFQTFLGKADVSQEVEEVLAESRVQRSIRLVSVLELLRAPYVRWQVVTV
IVTMACYQLCGLNAIWFYTNSIFGKAGIPPAKIPYVTLSTGGIETLAAVFSGLVIEHLGRRPLLIGGFGLMGLFFGTLTI
TLTLQDHAPWVPYLSIVGILAIIASFCSGPGGIPFILTGEFFQQSQRPAAFIIAGTVNWLSNFAVGLLFPFIQKSLDTYC
FLVFATICITGAIYLYFVLPETKNRTYAEISQAFSKRNKAYPPEEKIDSAVTDGKINGRPGTENLYFQ
;
_entity_poly.pdbx_strand_id   A
#
# COMPACT_ATOMS: atom_id res chain seq x y z
N TRP A 52 4.85 -26.30 6.19
CA TRP A 52 4.86 -25.77 4.79
C TRP A 52 5.08 -26.91 3.80
N SER A 53 4.02 -27.24 3.05
CA SER A 53 4.11 -28.12 1.89
C SER A 53 4.76 -27.37 0.72
N CYS A 54 5.05 -28.10 -0.36
CA CYS A 54 5.76 -27.56 -1.51
C CYS A 54 4.94 -26.45 -2.18
N SER A 55 3.70 -26.77 -2.56
CA SER A 55 2.88 -25.88 -3.39
C SER A 55 2.44 -24.61 -2.63
N LEU A 56 2.47 -24.64 -1.28
CA LEU A 56 2.14 -23.49 -0.47
C LEU A 56 3.24 -22.42 -0.60
N LEU A 57 4.51 -22.86 -0.70
CA LEU A 57 5.63 -21.94 -0.81
C LEU A 57 5.60 -21.26 -2.16
N VAL A 58 5.48 -22.02 -3.26
CA VAL A 58 5.49 -21.45 -4.59
C VAL A 58 4.28 -20.53 -4.80
N ALA A 59 3.09 -20.88 -4.26
CA ALA A 59 1.92 -20.01 -4.31
C ALA A 59 2.14 -18.70 -3.55
N SER A 60 2.81 -18.76 -2.39
CA SER A 60 3.08 -17.59 -1.58
C SER A 60 4.13 -16.68 -2.22
N LEU A 61 5.22 -17.28 -2.74
CA LEU A 61 6.37 -16.56 -3.27
C LEU A 61 6.05 -15.97 -4.64
N ALA A 62 5.53 -16.78 -5.58
CA ALA A 62 5.18 -16.31 -6.92
C ALA A 62 3.91 -15.46 -6.91
N GLY A 63 3.01 -15.71 -5.96
CA GLY A 63 1.87 -14.85 -5.73
C GLY A 63 2.30 -13.44 -5.31
N ALA A 64 3.17 -13.34 -4.32
CA ALA A 64 3.63 -12.05 -3.79
C ALA A 64 4.58 -11.35 -4.77
N PHE A 65 5.57 -12.05 -5.34
CA PHE A 65 6.59 -11.43 -6.18
C PHE A 65 5.99 -10.68 -7.38
N GLY A 66 4.97 -11.25 -8.02
CA GLY A 66 4.37 -10.61 -9.17
C GLY A 66 3.26 -9.60 -8.83
N SER A 67 3.00 -9.33 -7.53
CA SER A 67 1.78 -8.65 -7.13
C SER A 67 2.04 -7.54 -6.12
N SER A 68 2.41 -7.92 -4.90
CA SER A 68 2.63 -6.97 -3.81
C SER A 68 4.01 -6.34 -3.91
N PHE A 69 5.01 -7.13 -4.34
CA PHE A 69 6.35 -6.60 -4.60
C PHE A 69 6.33 -5.53 -5.68
N LEU A 70 5.51 -5.69 -6.74
CA LEU A 70 5.39 -4.68 -7.78
C LEU A 70 4.66 -3.43 -7.28
N TYR A 71 3.73 -3.54 -6.34
CA TYR A 71 3.15 -2.36 -5.74
C TYR A 71 4.27 -1.58 -5.03
N GLY A 72 5.00 -2.27 -4.16
CA GLY A 72 6.10 -1.67 -3.41
C GLY A 72 7.19 -1.08 -4.29
N TYR A 73 7.60 -1.79 -5.35
CA TYR A 73 8.59 -1.27 -6.30
C TYR A 73 8.10 0.03 -6.94
N ASN A 74 6.83 0.11 -7.30
CA ASN A 74 6.29 1.26 -8.00
C ASN A 74 6.11 2.48 -7.10
N LEU A 75 6.27 2.36 -5.77
CA LEU A 75 6.32 3.53 -4.91
C LEU A 75 7.68 4.23 -5.01
N SER A 76 8.76 3.45 -5.06
CA SER A 76 10.10 3.99 -4.91
C SER A 76 10.88 4.08 -6.23
N VAL A 77 10.43 3.43 -7.29
CA VAL A 77 11.11 3.47 -8.58
C VAL A 77 11.15 4.90 -9.13
N VAL A 78 10.15 5.70 -8.75
CA VAL A 78 9.90 6.99 -9.36
C VAL A 78 10.84 8.05 -8.79
N ASN A 79 11.47 7.77 -7.63
CA ASN A 79 12.33 8.70 -6.92
C ASN A 79 13.66 8.99 -7.65
N ALA A 80 14.49 7.97 -7.87
CA ALA A 80 15.86 8.16 -8.35
C ALA A 80 15.95 8.75 -9.77
N PRO A 81 15.10 8.38 -10.78
CA PRO A 81 15.16 9.00 -12.10
C PRO A 81 14.54 10.40 -12.21
N THR A 82 14.08 11.01 -11.11
CA THR A 82 13.38 12.29 -11.14
C THR A 82 14.09 13.37 -11.99
N PRO A 83 15.39 13.68 -11.84
CA PRO A 83 16.03 14.72 -12.63
C PRO A 83 16.16 14.42 -14.13
N TYR A 84 16.18 13.13 -14.51
CA TYR A 84 16.25 12.68 -15.88
C TYR A 84 14.87 12.75 -16.53
N ILE A 85 13.81 12.41 -15.79
CA ILE A 85 12.46 12.48 -16.32
C ILE A 85 12.03 13.95 -16.48
N LYS A 86 12.35 14.84 -15.53
CA LYS A 86 12.00 16.25 -15.67
C LYS A 86 12.74 16.88 -16.85
N ALA A 87 14.01 16.52 -17.08
CA ALA A 87 14.75 17.02 -18.22
C ALA A 87 14.11 16.57 -19.54
N PHE A 88 13.55 15.36 -19.57
CA PHE A 88 12.81 14.82 -20.70
C PHE A 88 11.50 15.56 -20.93
N TYR A 89 10.74 15.89 -19.86
CA TYR A 89 9.50 16.63 -20.00
C TYR A 89 9.77 18.04 -20.56
N ASN A 90 10.77 18.71 -20.01
CA ASN A 90 11.20 20.04 -20.44
C ASN A 90 11.53 20.00 -21.92
N GLU A 91 12.46 19.14 -22.33
CA GLU A 91 12.93 19.11 -23.71
C GLU A 91 11.86 18.60 -24.69
N SER A 92 10.83 17.90 -24.21
CA SER A 92 9.66 17.52 -25.00
C SER A 92 8.72 18.70 -25.21
N TRP A 93 8.51 19.48 -24.14
CA TRP A 93 7.54 20.57 -24.15
C TRP A 93 8.01 21.69 -25.07
N GLU A 94 9.26 22.15 -24.95
CA GLU A 94 9.74 23.25 -25.77
C GLU A 94 9.76 22.84 -27.24
N ARG A 95 10.14 21.58 -27.54
CA ARG A 95 10.23 21.09 -28.90
C ARG A 95 8.85 20.96 -29.56
N ARG A 96 7.79 20.76 -28.77
CA ARG A 96 6.43 20.63 -29.28
C ARG A 96 5.72 21.99 -29.39
N HIS A 97 5.83 22.84 -28.34
CA HIS A 97 5.06 24.07 -28.24
C HIS A 97 5.83 25.31 -28.69
N GLY A 98 7.15 25.21 -28.82
CA GLY A 98 7.96 26.31 -29.36
C GLY A 98 8.29 27.39 -28.33
N ARG A 99 7.89 27.17 -27.05
CA ARG A 99 8.12 28.11 -25.96
C ARG A 99 8.56 27.33 -24.71
N PRO A 100 9.57 27.81 -23.94
CA PRO A 100 10.07 27.06 -22.78
C PRO A 100 9.04 26.82 -21.68
N ILE A 101 9.17 25.67 -21.00
CA ILE A 101 8.29 25.30 -19.89
C ILE A 101 8.67 26.12 -18.66
N ASP A 102 7.66 26.55 -17.90
CA ASP A 102 7.86 27.32 -16.67
C ASP A 102 7.89 26.37 -15.46
N PRO A 103 8.62 26.72 -14.37
CA PRO A 103 8.85 25.82 -13.25
C PRO A 103 7.62 25.18 -12.60
N ASP A 104 6.50 25.92 -12.57
CA ASP A 104 5.28 25.45 -11.91
C ASP A 104 4.54 24.43 -12.78
N THR A 105 4.60 24.58 -14.12
CA THR A 105 4.02 23.59 -15.02
C THR A 105 4.78 22.28 -14.90
N LEU A 106 6.13 22.36 -14.91
CA LEU A 106 6.98 21.19 -14.83
C LEU A 106 6.84 20.49 -13.46
N THR A 107 6.60 21.25 -12.38
CA THR A 107 6.35 20.68 -11.06
C THR A 107 4.99 19.97 -11.02
N LEU A 108 3.98 20.54 -11.69
CA LEU A 108 2.68 19.89 -11.76
C LEU A 108 2.73 18.60 -12.60
N LEU A 109 3.38 18.58 -13.77
CA LEU A 109 3.49 17.38 -14.59
C LEU A 109 4.18 16.26 -13.84
N TRP A 110 5.18 16.59 -13.02
CA TRP A 110 5.87 15.57 -12.26
C TRP A 110 4.98 15.08 -11.11
N SER A 111 4.27 15.99 -10.43
CA SER A 111 3.34 15.62 -9.37
C SER A 111 2.21 14.72 -9.89
N VAL A 112 1.69 14.99 -11.09
CA VAL A 112 0.69 14.16 -11.75
C VAL A 112 1.28 12.80 -12.15
N THR A 113 2.51 12.75 -12.69
CA THR A 113 3.14 11.49 -13.03
C THR A 113 3.26 10.60 -11.79
N VAL A 114 3.74 11.15 -10.68
CA VAL A 114 3.94 10.42 -9.44
C VAL A 114 2.62 9.89 -8.87
N SER A 115 1.60 10.76 -8.79
CA SER A 115 0.38 10.49 -8.04
C SER A 115 -0.73 9.78 -8.83
N ILE A 116 -0.75 9.85 -10.17
CA ILE A 116 -1.80 9.25 -10.98
C ILE A 116 -1.92 7.73 -10.75
N PHE A 117 -0.84 7.11 -10.27
CA PHE A 117 -0.80 5.73 -9.84
C PHE A 117 -1.87 5.42 -8.79
N ALA A 118 -2.19 6.38 -7.90
CA ALA A 118 -3.17 6.17 -6.85
C ALA A 118 -4.60 6.21 -7.38
N ILE A 119 -4.85 6.98 -8.45
CA ILE A 119 -6.13 6.97 -9.15
C ILE A 119 -6.26 5.64 -9.93
N GLY A 120 -5.15 5.13 -10.46
CA GLY A 120 -5.11 3.78 -10.99
C GLY A 120 -5.53 2.74 -9.96
N GLY A 121 -4.92 2.81 -8.77
CA GLY A 121 -5.21 1.86 -7.70
C GLY A 121 -6.67 1.87 -7.24
N LEU A 122 -7.31 3.04 -7.28
CA LEU A 122 -8.73 3.17 -6.96
C LEU A 122 -9.59 2.46 -8.01
N VAL A 123 -9.29 2.66 -9.30
CA VAL A 123 -9.96 1.95 -10.38
C VAL A 123 -9.75 0.44 -10.23
N GLY A 124 -8.51 0.00 -9.94
CA GLY A 124 -8.24 -1.42 -9.73
C GLY A 124 -8.99 -2.01 -8.54
N THR A 125 -9.18 -1.24 -7.45
CA THR A 125 -9.94 -1.67 -6.28
C THR A 125 -11.44 -1.83 -6.58
N LEU A 126 -11.97 -1.10 -7.58
CA LEU A 126 -13.37 -1.18 -7.96
C LEU A 126 -13.59 -2.24 -9.04
N ILE A 127 -12.62 -2.46 -9.95
CA ILE A 127 -12.72 -3.49 -10.98
C ILE A 127 -12.90 -4.88 -10.36
N VAL A 128 -12.26 -5.17 -9.21
CA VAL A 128 -12.36 -6.47 -8.55
C VAL A 128 -13.79 -6.81 -8.13
N LYS A 129 -14.64 -5.80 -7.87
CA LYS A 129 -16.05 -6.00 -7.57
C LYS A 129 -16.81 -6.48 -8.82
N MET A 130 -16.51 -5.89 -9.99
CA MET A 130 -17.14 -6.25 -11.25
C MET A 130 -16.70 -7.63 -11.73
N ILE A 131 -15.40 -7.97 -11.59
CA ILE A 131 -14.87 -9.28 -11.97
C ILE A 131 -15.48 -10.35 -11.05
N GLY A 132 -15.30 -10.22 -9.73
CA GLY A 132 -15.95 -11.08 -8.74
C GLY A 132 -15.92 -12.58 -9.08
N LYS A 133 -17.12 -13.17 -9.18
CA LYS A 133 -17.36 -14.60 -9.35
C LYS A 133 -16.84 -15.14 -10.69
N VAL A 134 -16.58 -14.29 -11.70
CA VAL A 134 -16.37 -14.70 -13.08
C VAL A 134 -15.04 -15.46 -13.29
N LEU A 135 -13.89 -14.94 -12.81
CA LEU A 135 -12.59 -15.57 -13.06
C LEU A 135 -12.15 -16.52 -11.93
N GLY A 136 -12.34 -16.14 -10.67
CA GLY A 136 -11.67 -16.86 -9.58
C GLY A 136 -10.33 -16.22 -9.24
N ARG A 137 -9.71 -16.67 -8.13
CA ARG A 137 -8.64 -15.88 -7.50
C ARG A 137 -7.33 -16.04 -8.28
N LYS A 138 -7.03 -17.25 -8.79
CA LYS A 138 -5.79 -17.46 -9.51
C LYS A 138 -5.83 -16.72 -10.85
N HIS A 139 -6.88 -16.93 -11.65
CA HIS A 139 -6.99 -16.37 -12.99
C HIS A 139 -7.08 -14.85 -12.94
N THR A 140 -7.63 -14.24 -11.88
CA THR A 140 -7.53 -12.79 -11.73
C THR A 140 -6.08 -12.37 -11.54
N LEU A 141 -5.25 -13.08 -10.77
CA LEU A 141 -3.85 -12.72 -10.61
C LEU A 141 -3.04 -13.00 -11.90
N LEU A 142 -3.36 -14.05 -12.68
CA LEU A 142 -2.73 -14.24 -13.97
C LEU A 142 -3.09 -13.08 -14.91
N ALA A 143 -4.40 -12.81 -15.09
CA ALA A 143 -4.88 -11.82 -16.04
C ALA A 143 -4.39 -10.41 -15.70
N ASN A 144 -4.09 -10.15 -14.43
CA ASN A 144 -3.57 -8.88 -13.95
C ASN A 144 -2.23 -8.51 -14.58
N ASN A 145 -1.45 -9.50 -15.03
CA ASN A 145 -0.16 -9.25 -15.68
C ASN A 145 -0.33 -8.59 -17.05
N GLY A 146 -1.54 -8.54 -17.61
CA GLY A 146 -1.79 -7.73 -18.79
C GLY A 146 -1.54 -6.24 -18.54
N PHE A 147 -1.78 -5.78 -17.30
CA PHE A 147 -1.58 -4.39 -16.93
C PHE A 147 -0.12 -4.14 -16.55
N ALA A 148 0.54 -5.08 -15.86
CA ALA A 148 1.96 -4.95 -15.54
C ALA A 148 2.81 -4.83 -16.80
N ILE A 149 2.62 -5.73 -17.77
CA ILE A 149 3.48 -5.81 -18.95
C ILE A 149 3.18 -4.64 -19.89
N SER A 150 1.91 -4.25 -20.06
CA SER A 150 1.54 -3.14 -20.91
C SER A 150 2.05 -1.82 -20.33
N ALA A 151 1.95 -1.64 -19.02
CA ALA A 151 2.42 -0.41 -18.37
C ALA A 151 3.94 -0.34 -18.39
N ALA A 152 4.63 -1.45 -18.14
CA ALA A 152 6.08 -1.51 -18.25
C ALA A 152 6.57 -1.10 -19.64
N LEU A 153 5.89 -1.56 -20.71
CA LEU A 153 6.28 -1.22 -22.07
C LEU A 153 5.91 0.21 -22.44
N LEU A 154 4.79 0.76 -21.95
CA LEU A 154 4.44 2.16 -22.19
C LEU A 154 5.46 3.10 -21.53
N MET A 155 5.89 2.78 -20.30
CA MET A 155 6.76 3.66 -19.55
C MET A 155 8.19 3.58 -20.09
N ALA A 156 8.67 2.37 -20.41
CA ALA A 156 10.01 2.18 -20.94
C ALA A 156 10.19 2.85 -22.30
N CYS A 157 9.22 2.68 -23.22
CA CYS A 157 9.37 3.20 -24.58
C CYS A 157 8.91 4.65 -24.74
N SER A 158 8.60 5.33 -23.62
CA SER A 158 8.14 6.71 -23.66
C SER A 158 9.22 7.64 -24.23
N LEU A 159 10.47 7.42 -23.83
CA LEU A 159 11.59 8.27 -24.23
C LEU A 159 11.91 8.12 -25.73
N GLN A 160 11.75 6.92 -26.29
CA GLN A 160 12.01 6.69 -27.71
C GLN A 160 10.88 7.25 -28.57
N ALA A 161 9.63 7.14 -28.08
CA ALA A 161 8.48 7.75 -28.74
C ALA A 161 8.59 9.27 -28.74
N GLY A 162 9.18 9.83 -27.68
CA GLY A 162 9.34 11.26 -27.52
C GLY A 162 8.07 11.95 -27.02
N ALA A 163 7.24 11.20 -26.27
CA ALA A 163 5.97 11.66 -25.77
C ALA A 163 5.88 11.42 -24.26
N PHE A 164 5.67 12.48 -23.47
CA PHE A 164 5.59 12.35 -22.02
C PHE A 164 4.24 11.77 -21.58
N GLU A 165 3.20 11.83 -22.43
CA GLU A 165 1.91 11.30 -22.07
C GLU A 165 1.96 9.79 -21.85
N MET A 166 2.86 9.08 -22.56
CA MET A 166 2.99 7.65 -22.39
C MET A 166 3.43 7.28 -20.98
N LEU A 167 4.22 8.14 -20.33
CA LEU A 167 4.74 7.85 -19.01
C LEU A 167 3.67 8.13 -17.94
N ILE A 168 2.79 9.12 -18.19
CA ILE A 168 1.65 9.39 -17.30
C ILE A 168 0.58 8.30 -17.44
N VAL A 169 0.28 7.87 -18.67
CA VAL A 169 -0.67 6.79 -18.95
C VAL A 169 -0.12 5.44 -18.47
N GLY A 170 1.19 5.23 -18.53
CA GLY A 170 1.80 4.01 -18.01
C GLY A 170 1.71 3.91 -16.48
N ARG A 171 1.96 5.02 -15.76
CA ARG A 171 1.81 5.05 -14.31
C ARG A 171 0.38 4.74 -13.91
N PHE A 172 -0.61 5.20 -14.69
CA PHE A 172 -2.02 4.93 -14.41
C PHE A 172 -2.31 3.44 -14.46
N ILE A 173 -1.96 2.76 -15.57
CA ILE A 173 -2.27 1.34 -15.78
C ILE A 173 -1.55 0.49 -14.74
N MET A 174 -0.31 0.83 -14.40
CA MET A 174 0.44 0.18 -13.34
C MET A 174 -0.25 0.38 -11.98
N GLY A 175 -1.00 1.47 -11.83
CA GLY A 175 -1.85 1.69 -10.68
C GLY A 175 -3.00 0.70 -10.61
N ILE A 176 -3.70 0.50 -11.73
CA ILE A 176 -4.79 -0.46 -11.81
C ILE A 176 -4.30 -1.83 -11.35
N ASP A 177 -3.17 -2.28 -11.90
CA ASP A 177 -2.48 -3.50 -11.51
C ASP A 177 -2.33 -3.55 -9.98
N GLY A 178 -1.71 -2.55 -9.38
CA GLY A 178 -1.52 -2.52 -7.95
C GLY A 178 -2.81 -2.58 -7.14
N GLY A 179 -3.92 -2.06 -7.68
CA GLY A 179 -5.22 -2.10 -7.03
C GLY A 179 -5.85 -3.49 -7.03
N VAL A 180 -5.74 -4.20 -8.15
CA VAL A 180 -6.20 -5.58 -8.29
C VAL A 180 -5.30 -6.54 -7.51
N ALA A 181 -3.98 -6.35 -7.56
CA ALA A 181 -3.01 -7.15 -6.83
C ALA A 181 -3.30 -7.17 -5.33
N LEU A 182 -3.53 -6.00 -4.73
CA LEU A 182 -3.67 -5.89 -3.28
C LEU A 182 -5.05 -6.30 -2.78
N SER A 183 -6.04 -6.41 -3.67
CA SER A 183 -7.38 -6.82 -3.32
C SER A 183 -7.54 -8.33 -3.38
N VAL A 184 -6.88 -8.99 -4.36
CA VAL A 184 -7.05 -10.41 -4.63
C VAL A 184 -5.95 -11.25 -3.98
N LEU A 185 -4.74 -10.73 -3.71
CA LEU A 185 -3.70 -11.60 -3.16
C LEU A 185 -4.04 -11.98 -1.72
N PRO A 186 -4.50 -11.08 -0.81
CA PRO A 186 -4.95 -11.49 0.52
C PRO A 186 -6.07 -12.52 0.53
N MET A 187 -7.01 -12.45 -0.45
CA MET A 187 -8.03 -13.47 -0.60
C MET A 187 -7.37 -14.82 -0.94
N TYR A 188 -6.54 -14.87 -1.99
CA TYR A 188 -5.92 -16.12 -2.43
C TYR A 188 -5.09 -16.74 -1.31
N LEU A 189 -4.22 -15.98 -0.65
CA LEU A 189 -3.31 -16.52 0.36
C LEU A 189 -4.06 -17.01 1.61
N SER A 190 -5.11 -16.32 2.06
CA SER A 190 -5.88 -16.78 3.20
C SER A 190 -6.73 -18.00 2.85
N GLU A 191 -7.15 -18.17 1.59
CA GLU A 191 -8.02 -19.26 1.19
C GLU A 191 -7.25 -20.57 1.00
N ILE A 192 -6.00 -20.53 0.52
CA ILE A 192 -5.23 -21.75 0.24
C ILE A 192 -4.59 -22.32 1.52
N SER A 193 -4.41 -21.50 2.55
CA SER A 193 -3.53 -21.81 3.67
C SER A 193 -4.19 -22.66 4.75
N PRO A 194 -3.40 -23.43 5.52
CA PRO A 194 -3.87 -24.11 6.72
C PRO A 194 -4.49 -23.12 7.70
N LYS A 195 -5.47 -23.61 8.48
CA LYS A 195 -6.19 -22.80 9.45
C LYS A 195 -5.24 -22.11 10.43
N GLU A 196 -4.14 -22.79 10.78
CA GLU A 196 -3.24 -22.36 11.86
C GLU A 196 -2.45 -21.09 11.48
N ILE A 197 -2.20 -20.86 10.18
CA ILE A 197 -1.23 -19.84 9.77
C ILE A 197 -1.90 -18.66 9.04
N ARG A 198 -3.23 -18.61 8.94
CA ARG A 198 -3.92 -17.52 8.25
C ARG A 198 -3.63 -16.17 8.93
N GLY A 199 -3.19 -16.20 10.20
CA GLY A 199 -2.84 -14.99 10.95
C GLY A 199 -1.50 -14.37 10.54
N SER A 200 -0.56 -15.21 10.08
CA SER A 200 0.78 -14.80 9.69
C SER A 200 0.80 -14.08 8.34
N LEU A 201 -0.16 -14.39 7.46
CA LEU A 201 -0.04 -14.05 6.05
C LEU A 201 -0.42 -12.60 5.76
N GLY A 202 -1.12 -11.94 6.69
CA GLY A 202 -1.30 -10.49 6.60
C GLY A 202 0.03 -9.74 6.69
N GLN A 203 1.05 -10.39 7.26
CA GLN A 203 2.38 -9.84 7.41
C GLN A 203 3.26 -10.18 6.20
N VAL A 204 3.00 -11.32 5.53
CA VAL A 204 3.72 -11.68 4.31
C VAL A 204 3.43 -10.68 3.19
N THR A 205 2.18 -10.22 3.01
CA THR A 205 1.89 -9.24 1.98
C THR A 205 2.44 -7.86 2.36
N ALA A 206 2.78 -7.63 3.64
CA ALA A 206 3.36 -6.38 4.10
C ALA A 206 4.87 -6.38 3.89
N ILE A 207 5.54 -7.50 4.21
CA ILE A 207 6.99 -7.65 4.04
C ILE A 207 7.36 -7.53 2.56
N PHE A 208 6.60 -8.14 1.65
CA PHE A 208 6.97 -8.10 0.24
C PHE A 208 6.79 -6.71 -0.36
N ILE A 209 5.90 -5.87 0.18
CA ILE A 209 5.84 -4.48 -0.23
C ILE A 209 7.14 -3.75 0.13
N CYS A 210 7.67 -4.02 1.34
CA CYS A 210 8.90 -3.40 1.81
C CYS A 210 10.12 -3.86 1.02
N ILE A 211 10.22 -5.16 0.71
CA ILE A 211 11.28 -5.67 -0.17
C ILE A 211 11.15 -5.04 -1.55
N GLY A 212 9.91 -4.69 -1.93
CA GLY A 212 9.63 -3.89 -3.13
C GLY A 212 10.23 -2.50 -3.06
N VAL A 213 9.89 -1.70 -2.04
CA VAL A 213 10.39 -0.33 -1.96
C VAL A 213 11.92 -0.33 -1.85
N PHE A 214 12.50 -1.29 -1.13
CA PHE A 214 13.94 -1.42 -1.05
C PHE A 214 14.56 -1.70 -2.42
N THR A 215 13.99 -2.64 -3.19
CA THR A 215 14.56 -3.02 -4.48
C THR A 215 14.47 -1.87 -5.49
N GLY A 216 13.39 -1.08 -5.46
CA GLY A 216 13.30 0.13 -6.26
C GLY A 216 14.42 1.12 -5.95
N GLN A 217 14.77 1.27 -4.66
CA GLN A 217 15.84 2.14 -4.21
C GLN A 217 17.22 1.57 -4.51
N LEU A 218 17.37 0.25 -4.50
CA LEU A 218 18.61 -0.42 -4.87
C LEU A 218 18.91 -0.29 -6.36
N LEU A 219 17.99 -0.63 -7.28
CA LEU A 219 18.24 -0.50 -8.71
C LEU A 219 18.48 0.96 -9.13
N GLY A 220 17.88 1.92 -8.41
CA GLY A 220 18.06 3.34 -8.67
C GLY A 220 19.40 3.92 -8.21
N LEU A 221 20.33 3.11 -7.66
CA LEU A 221 21.68 3.58 -7.38
C LEU A 221 22.38 3.91 -8.71
N PRO A 222 23.31 4.90 -8.74
CA PRO A 222 23.99 5.27 -9.98
C PRO A 222 24.97 4.22 -10.51
N GLU A 223 25.26 3.18 -9.71
CA GLU A 223 26.09 2.06 -10.11
C GLU A 223 25.29 0.96 -10.81
N LEU A 224 23.96 0.94 -10.63
CA LEU A 224 23.07 0.04 -11.36
C LEU A 224 22.33 0.80 -12.48
N LEU A 225 21.02 1.07 -12.36
CA LEU A 225 20.23 1.56 -13.48
C LEU A 225 19.90 3.07 -13.38
N GLY A 226 20.19 3.73 -12.26
CA GLY A 226 19.82 5.13 -12.08
C GLY A 226 20.80 6.12 -12.71
N LYS A 227 21.25 5.84 -13.94
CA LYS A 227 22.07 6.73 -14.74
C LYS A 227 21.22 7.45 -15.79
N GLU A 228 21.77 8.49 -16.42
CA GLU A 228 21.06 9.27 -17.41
C GLU A 228 20.72 8.41 -18.64
N SER A 229 21.64 7.50 -19.03
CA SER A 229 21.52 6.71 -20.25
C SER A 229 20.75 5.40 -20.06
N THR A 230 20.34 5.06 -18.83
CA THR A 230 19.66 3.80 -18.54
C THR A 230 18.44 3.95 -17.63
N TRP A 231 17.91 5.16 -17.44
CA TRP A 231 16.73 5.30 -16.61
C TRP A 231 15.51 4.56 -17.18
N PRO A 232 15.27 4.44 -18.52
CA PRO A 232 14.10 3.70 -19.02
C PRO A 232 14.01 2.23 -18.57
N TYR A 233 15.16 1.59 -18.29
CA TYR A 233 15.13 0.23 -17.84
C TYR A 233 14.60 0.09 -16.41
N LEU A 234 14.59 1.15 -15.59
CA LEU A 234 13.98 1.09 -14.27
C LEU A 234 12.50 0.71 -14.37
N PHE A 235 11.82 1.17 -15.42
CA PHE A 235 10.42 0.81 -15.69
C PHE A 235 10.32 -0.45 -16.54
N GLY A 236 11.27 -0.65 -17.47
CA GLY A 236 11.28 -1.84 -18.30
C GLY A 236 11.49 -3.16 -17.54
N VAL A 237 12.20 -3.14 -16.40
CA VAL A 237 12.51 -4.33 -15.61
C VAL A 237 11.26 -4.88 -14.91
N ILE A 238 10.17 -4.10 -14.85
CA ILE A 238 8.92 -4.57 -14.25
C ILE A 238 8.35 -5.77 -15.00
N VAL A 239 8.81 -6.04 -16.24
CA VAL A 239 8.42 -7.21 -16.99
C VAL A 239 8.88 -8.51 -16.30
N VAL A 240 9.96 -8.48 -15.50
CA VAL A 240 10.50 -9.72 -14.95
C VAL A 240 9.62 -10.29 -13.84
N PRO A 241 9.19 -9.55 -12.78
CA PRO A 241 8.17 -10.06 -11.86
C PRO A 241 6.90 -10.59 -12.49
N ALA A 242 6.43 -9.93 -13.55
CA ALA A 242 5.23 -10.37 -14.26
C ALA A 242 5.47 -11.69 -14.98
N VAL A 243 6.61 -11.86 -15.66
CA VAL A 243 6.89 -13.09 -16.40
C VAL A 243 7.19 -14.25 -15.46
N VAL A 244 7.84 -14.00 -14.31
CA VAL A 244 8.09 -15.06 -13.33
C VAL A 244 6.80 -15.54 -12.68
N GLN A 245 5.78 -14.67 -12.58
CA GLN A 245 4.48 -15.09 -12.10
C GLN A 245 3.73 -15.89 -13.17
N LEU A 246 3.66 -15.38 -14.41
CA LEU A 246 2.97 -16.03 -15.51
C LEU A 246 3.52 -17.42 -15.81
N LEU A 247 4.80 -17.67 -15.53
CA LEU A 247 5.41 -18.96 -15.82
C LEU A 247 5.26 -19.95 -14.67
N SER A 248 4.80 -19.50 -13.48
CA SER A 248 4.75 -20.37 -12.31
C SER A 248 3.35 -20.57 -11.72
N LEU A 249 2.44 -19.57 -11.77
CA LEU A 249 1.12 -19.74 -11.18
C LEU A 249 0.29 -20.77 -11.97
N PRO A 250 0.31 -20.84 -13.33
CA PRO A 250 -0.53 -21.80 -14.04
C PRO A 250 -0.38 -23.27 -13.68
N PHE A 251 0.71 -23.66 -13.01
CA PHE A 251 0.94 -25.04 -12.60
C PHE A 251 0.33 -25.36 -11.23
N LEU A 252 -0.07 -24.34 -10.46
CA LEU A 252 -0.64 -24.53 -9.13
C LEU A 252 -2.17 -24.64 -9.20
N PRO A 253 -2.81 -25.29 -8.20
CA PRO A 253 -4.28 -25.30 -8.11
C PRO A 253 -4.90 -23.93 -7.87
N ASP A 254 -6.15 -23.77 -8.33
CA ASP A 254 -6.98 -22.63 -7.98
C ASP A 254 -7.38 -22.73 -6.51
N SER A 255 -7.90 -21.64 -5.93
CA SER A 255 -8.30 -21.62 -4.52
C SER A 255 -9.36 -22.70 -4.23
N PRO A 256 -9.19 -23.53 -3.18
CA PRO A 256 -10.10 -24.64 -2.92
C PRO A 256 -11.47 -24.24 -2.39
N ARG A 257 -11.67 -22.96 -2.05
CA ARG A 257 -12.98 -22.45 -1.67
C ARG A 257 -13.76 -22.05 -2.92
N TYR A 258 -13.12 -21.24 -3.79
CA TYR A 258 -13.68 -20.85 -5.07
C TYR A 258 -14.11 -22.10 -5.85
N LEU A 259 -13.26 -23.11 -5.95
CA LEU A 259 -13.62 -24.34 -6.64
C LEU A 259 -14.88 -24.97 -6.05
N LEU A 260 -15.06 -24.88 -4.73
CA LEU A 260 -16.14 -25.57 -4.02
C LEU A 260 -17.43 -24.75 -4.02
N LEU A 261 -17.36 -23.46 -3.66
CA LEU A 261 -18.54 -22.62 -3.46
C LEU A 261 -19.02 -22.00 -4.77
N GLU A 262 -18.09 -21.43 -5.55
CA GLU A 262 -18.39 -20.54 -6.66
C GLU A 262 -18.34 -21.29 -8.00
N LYS A 263 -17.51 -22.36 -8.10
CA LYS A 263 -17.41 -23.17 -9.31
C LYS A 263 -18.20 -24.48 -9.22
N HIS A 264 -18.69 -24.84 -8.01
CA HIS A 264 -19.52 -26.01 -7.73
C HIS A 264 -18.85 -27.34 -8.11
N ASN A 265 -17.51 -27.41 -8.01
CA ASN A 265 -16.76 -28.58 -8.45
C ASN A 265 -16.01 -29.19 -7.26
N GLU A 266 -16.69 -30.10 -6.55
CA GLU A 266 -16.20 -30.60 -5.26
C GLU A 266 -14.96 -31.47 -5.45
N ALA A 267 -14.88 -32.21 -6.57
CA ALA A 267 -13.75 -33.11 -6.83
C ALA A 267 -12.44 -32.34 -7.00
N ARG A 268 -12.49 -31.18 -7.67
CA ARG A 268 -11.33 -30.32 -7.82
C ARG A 268 -10.97 -29.64 -6.50
N ALA A 269 -11.98 -29.24 -5.71
CA ALA A 269 -11.75 -28.62 -4.42
C ALA A 269 -11.03 -29.58 -3.47
N VAL A 270 -11.44 -30.85 -3.45
CA VAL A 270 -10.75 -31.88 -2.67
C VAL A 270 -9.31 -31.99 -3.13
N LYS A 271 -9.05 -32.05 -4.46
CA LYS A 271 -7.71 -32.22 -4.99
C LYS A 271 -6.80 -31.02 -4.69
N ALA A 272 -7.40 -29.81 -4.62
CA ALA A 272 -6.67 -28.61 -4.27
C ALA A 272 -6.32 -28.58 -2.77
N PHE A 273 -7.27 -28.93 -1.89
CA PHE A 273 -6.99 -29.09 -0.47
C PHE A 273 -5.89 -30.14 -0.25
N GLN A 274 -5.99 -31.30 -0.92
CA GLN A 274 -5.02 -32.36 -0.78
C GLN A 274 -3.62 -31.92 -1.23
N THR A 275 -3.54 -31.01 -2.23
CA THR A 275 -2.27 -30.52 -2.74
C THR A 275 -1.66 -29.47 -1.81
N PHE A 276 -2.43 -28.48 -1.38
CA PHE A 276 -1.92 -27.39 -0.56
C PHE A 276 -1.65 -27.82 0.88
N LEU A 277 -2.52 -28.64 1.50
CA LEU A 277 -2.34 -29.02 2.89
C LEU A 277 -1.39 -30.21 3.03
N GLY A 278 -1.23 -31.02 1.97
CA GLY A 278 -0.27 -32.11 1.94
C GLY A 278 -0.74 -33.34 2.72
N LYS A 279 -2.06 -33.60 2.72
CA LYS A 279 -2.64 -34.74 3.43
C LYS A 279 -3.81 -35.31 2.63
N ALA A 280 -4.21 -36.56 2.95
CA ALA A 280 -5.21 -37.28 2.17
C ALA A 280 -6.63 -36.98 2.66
N ASP A 281 -6.87 -37.06 3.99
CA ASP A 281 -8.20 -36.95 4.54
C ASP A 281 -8.53 -35.48 4.83
N VAL A 282 -8.96 -34.76 3.79
CA VAL A 282 -9.28 -33.34 3.91
C VAL A 282 -10.77 -33.13 4.20
N SER A 283 -11.47 -34.16 4.69
CA SER A 283 -12.92 -34.14 4.85
C SER A 283 -13.38 -32.97 5.73
N GLN A 284 -12.63 -32.69 6.80
CA GLN A 284 -12.98 -31.68 7.77
C GLN A 284 -12.78 -30.26 7.20
N GLU A 285 -11.93 -30.13 6.18
CA GLU A 285 -11.62 -28.86 5.54
C GLU A 285 -12.77 -28.44 4.62
N VAL A 286 -13.29 -29.41 3.84
CA VAL A 286 -14.41 -29.20 2.94
C VAL A 286 -15.66 -28.83 3.74
N GLU A 287 -15.97 -29.57 4.82
CA GLU A 287 -17.20 -29.35 5.56
C GLU A 287 -17.16 -28.01 6.30
N GLU A 288 -15.98 -27.54 6.74
CA GLU A 288 -15.85 -26.24 7.38
C GLU A 288 -16.22 -25.11 6.40
N VAL A 289 -15.80 -25.23 5.14
CA VAL A 289 -16.08 -24.22 4.12
C VAL A 289 -17.55 -24.27 3.71
N LEU A 290 -18.14 -25.46 3.56
CA LEU A 290 -19.56 -25.56 3.26
C LEU A 290 -20.39 -24.99 4.41
N ALA A 291 -20.00 -25.25 5.67
CA ALA A 291 -20.70 -24.73 6.83
C ALA A 291 -20.72 -23.20 6.83
N GLU A 292 -19.55 -22.57 6.62
CA GLU A 292 -19.43 -21.12 6.65
C GLU A 292 -20.23 -20.49 5.51
N SER A 293 -20.32 -21.17 4.36
CA SER A 293 -21.17 -20.73 3.25
C SER A 293 -22.66 -20.85 3.58
N ARG A 294 -23.08 -21.97 4.21
CA ARG A 294 -24.48 -22.15 4.61
C ARG A 294 -24.91 -21.05 5.59
N VAL A 295 -23.97 -20.56 6.42
CA VAL A 295 -24.19 -19.39 7.28
C VAL A 295 -24.30 -18.12 6.43
N GLN A 296 -23.31 -17.85 5.57
CA GLN A 296 -23.23 -16.58 4.84
C GLN A 296 -24.39 -16.42 3.84
N ARG A 297 -24.93 -17.52 3.31
CA ARG A 297 -26.06 -17.48 2.39
C ARG A 297 -27.31 -16.86 3.02
N SER A 298 -27.40 -16.91 4.36
CA SER A 298 -28.56 -16.41 5.10
C SER A 298 -28.54 -14.89 5.26
N ILE A 299 -27.43 -14.23 4.89
CA ILE A 299 -27.15 -12.83 5.23
C ILE A 299 -27.36 -11.92 4.02
N ARG A 300 -28.08 -10.80 4.23
CA ARG A 300 -28.29 -9.77 3.23
C ARG A 300 -27.35 -8.59 3.51
N LEU A 301 -26.53 -8.21 2.52
CA LEU A 301 -25.43 -7.27 2.72
C LEU A 301 -25.93 -5.82 2.76
N VAL A 302 -25.36 -5.04 3.70
CA VAL A 302 -25.65 -3.62 3.83
C VAL A 302 -24.88 -2.88 2.74
N SER A 303 -25.59 -2.07 1.93
CA SER A 303 -25.00 -1.36 0.80
C SER A 303 -24.19 -0.15 1.29
N VAL A 304 -23.30 0.40 0.44
CA VAL A 304 -22.33 1.40 0.89
C VAL A 304 -23.01 2.69 1.34
N LEU A 305 -24.04 3.13 0.60
CA LEU A 305 -24.75 4.36 0.92
C LEU A 305 -25.61 4.18 2.18
N GLU A 306 -26.07 2.95 2.41
CA GLU A 306 -26.91 2.56 3.54
C GLU A 306 -26.09 2.43 4.82
N LEU A 307 -24.82 2.01 4.69
CA LEU A 307 -23.86 2.00 5.79
C LEU A 307 -23.49 3.43 6.19
N LEU A 308 -23.30 4.35 5.23
CA LEU A 308 -23.06 5.75 5.52
C LEU A 308 -24.23 6.40 6.26
N ARG A 309 -25.47 6.12 5.81
CA ARG A 309 -26.67 6.75 6.35
C ARG A 309 -27.07 6.22 7.72
N ALA A 310 -26.80 4.94 8.03
CA ALA A 310 -27.23 4.31 9.27
C ALA A 310 -26.63 4.99 10.50
N PRO A 311 -27.45 5.50 11.45
CA PRO A 311 -26.93 6.15 12.65
C PRO A 311 -26.28 5.21 13.66
N TYR A 312 -26.74 3.95 13.70
CA TYR A 312 -26.30 2.97 14.66
C TYR A 312 -24.91 2.42 14.34
N VAL A 313 -24.21 2.97 13.31
CA VAL A 313 -22.80 2.71 13.07
C VAL A 313 -22.02 4.01 12.78
N ARG A 314 -22.55 5.18 13.12
CA ARG A 314 -21.97 6.45 12.71
C ARG A 314 -20.51 6.60 13.14
N TRP A 315 -20.18 6.41 14.42
CA TRP A 315 -18.81 6.64 14.88
C TRP A 315 -17.84 5.52 14.50
N GLN A 316 -18.35 4.35 14.05
CA GLN A 316 -17.50 3.33 13.46
C GLN A 316 -17.07 3.77 12.06
N VAL A 317 -18.01 4.32 11.29
CA VAL A 317 -17.73 4.81 9.94
C VAL A 317 -16.76 6.00 10.02
N VAL A 318 -17.05 6.98 10.91
CA VAL A 318 -16.19 8.15 11.07
C VAL A 318 -14.78 7.75 11.55
N THR A 319 -14.66 6.76 12.44
CA THR A 319 -13.35 6.30 12.92
C THR A 319 -12.55 5.63 11.81
N VAL A 320 -13.22 4.94 10.88
CA VAL A 320 -12.54 4.31 9.74
C VAL A 320 -12.07 5.37 8.74
N ILE A 321 -12.90 6.39 8.47
CA ILE A 321 -12.53 7.44 7.53
C ILE A 321 -11.36 8.24 8.11
N VAL A 322 -11.41 8.63 9.40
CA VAL A 322 -10.34 9.42 10.01
C VAL A 322 -9.03 8.62 10.08
N THR A 323 -9.09 7.31 10.37
CA THR A 323 -7.89 6.51 10.52
C THR A 323 -7.24 6.26 9.16
N MET A 324 -8.06 5.98 8.13
CA MET A 324 -7.53 5.71 6.79
C MET A 324 -7.02 6.99 6.11
N ALA A 325 -7.58 8.15 6.45
CA ALA A 325 -7.04 9.43 6.05
C ALA A 325 -5.67 9.65 6.71
N CYS A 326 -5.56 9.56 8.03
CA CYS A 326 -4.31 9.85 8.71
C CYS A 326 -3.21 8.83 8.39
N TYR A 327 -3.56 7.60 8.03
CA TYR A 327 -2.62 6.58 7.60
C TYR A 327 -1.86 7.01 6.35
N GLN A 328 -2.52 7.76 5.45
CA GLN A 328 -1.89 8.23 4.21
C GLN A 328 -1.42 9.69 4.35
N LEU A 329 -2.27 10.56 4.89
CA LEU A 329 -1.97 11.98 5.02
C LEU A 329 -0.90 12.26 6.06
N CYS A 330 -0.44 11.25 6.83
CA CYS A 330 0.76 11.41 7.66
C CYS A 330 2.01 11.57 6.79
N GLY A 331 1.90 11.36 5.47
CA GLY A 331 2.92 11.74 4.51
C GLY A 331 4.04 10.71 4.37
N LEU A 332 3.84 9.46 4.79
CA LEU A 332 4.90 8.47 4.67
C LEU A 332 5.16 8.14 3.20
N ASN A 333 4.14 8.20 2.34
CA ASN A 333 4.35 7.97 0.93
C ASN A 333 5.15 9.12 0.28
N ALA A 334 5.04 10.35 0.79
CA ALA A 334 5.88 11.43 0.31
C ALA A 334 7.35 11.14 0.59
N ILE A 335 7.67 10.27 1.57
CA ILE A 335 9.04 9.86 1.82
C ILE A 335 9.51 8.88 0.73
N TRP A 336 8.62 8.04 0.16
CA TRP A 336 9.05 7.11 -0.88
C TRP A 336 9.13 7.79 -2.24
N PHE A 337 8.13 8.62 -2.58
CA PHE A 337 8.07 9.27 -3.87
C PHE A 337 9.13 10.36 -4.03
N TYR A 338 9.60 10.97 -2.92
CA TYR A 338 10.35 12.22 -3.00
C TYR A 338 11.62 12.24 -2.15
N THR A 339 12.19 11.06 -1.81
CA THR A 339 13.24 10.98 -0.79
C THR A 339 14.48 11.80 -1.14
N ASN A 340 14.96 11.73 -2.39
CA ASN A 340 16.22 12.33 -2.75
C ASN A 340 16.13 13.84 -2.77
N SER A 341 14.92 14.41 -2.94
CA SER A 341 14.73 15.86 -2.83
C SER A 341 14.73 16.30 -1.37
N ILE A 342 14.13 15.49 -0.50
CA ILE A 342 14.06 15.77 0.93
C ILE A 342 15.47 15.78 1.53
N PHE A 343 16.30 14.76 1.21
CA PHE A 343 17.68 14.71 1.69
C PHE A 343 18.54 15.82 1.05
N GLY A 344 18.23 16.23 -0.17
CA GLY A 344 18.91 17.34 -0.80
C GLY A 344 18.69 18.66 -0.07
N LYS A 345 17.44 18.98 0.29
CA LYS A 345 17.10 20.17 1.05
C LYS A 345 17.64 20.10 2.48
N ALA A 346 17.79 18.88 3.02
CA ALA A 346 18.33 18.68 4.36
C ALA A 346 19.82 18.95 4.46
N GLY A 347 20.52 19.03 3.31
CA GLY A 347 21.93 19.41 3.28
C GLY A 347 22.88 18.21 3.28
N ILE A 348 22.37 17.02 2.94
CA ILE A 348 23.22 15.85 2.76
C ILE A 348 24.03 16.05 1.48
N PRO A 349 25.38 15.86 1.47
CA PRO A 349 26.19 16.10 0.27
C PRO A 349 25.66 15.40 -0.98
N PRO A 350 25.56 16.09 -2.15
CA PRO A 350 24.94 15.54 -3.35
C PRO A 350 25.35 14.13 -3.80
N ALA A 351 26.61 13.73 -3.51
CA ALA A 351 27.16 12.45 -3.94
C ALA A 351 26.73 11.31 -3.02
N LYS A 352 26.29 11.63 -1.79
CA LYS A 352 25.94 10.63 -0.78
C LYS A 352 24.47 10.25 -0.83
N ILE A 353 23.63 11.09 -1.44
CA ILE A 353 22.18 10.95 -1.28
C ILE A 353 21.67 9.60 -1.79
N PRO A 354 22.09 9.03 -2.95
CA PRO A 354 21.54 7.76 -3.41
C PRO A 354 21.74 6.59 -2.44
N TYR A 355 22.89 6.59 -1.73
CA TYR A 355 23.26 5.56 -0.77
C TYR A 355 22.65 5.80 0.61
N VAL A 356 22.41 7.07 0.99
CA VAL A 356 21.75 7.41 2.24
C VAL A 356 20.26 7.05 2.13
N THR A 357 19.63 7.31 0.99
CA THR A 357 18.23 6.97 0.75
C THR A 357 17.97 5.47 0.90
N LEU A 358 18.94 4.62 0.51
CA LEU A 358 18.82 3.17 0.55
C LEU A 358 18.62 2.66 1.98
N SER A 359 18.93 3.45 3.00
CA SER A 359 18.69 3.07 4.38
C SER A 359 17.22 3.18 4.76
N THR A 360 16.41 3.94 3.99
CA THR A 360 15.02 4.17 4.34
C THR A 360 14.16 2.93 4.03
N GLY A 361 14.41 2.26 2.89
CA GLY A 361 13.80 0.98 2.58
C GLY A 361 14.32 -0.17 3.44
N GLY A 362 15.57 -0.03 3.90
CA GLY A 362 16.18 -0.99 4.81
C GLY A 362 15.50 -1.04 6.17
N ILE A 363 15.38 0.13 6.82
CA ILE A 363 14.73 0.23 8.13
C ILE A 363 13.24 -0.09 8.01
N GLU A 364 12.59 0.24 6.90
CA GLU A 364 11.18 -0.15 6.73
C GLU A 364 11.06 -1.68 6.72
N THR A 365 11.95 -2.37 5.99
CA THR A 365 11.92 -3.83 5.93
C THR A 365 12.23 -4.45 7.31
N LEU A 366 13.20 -3.93 8.06
CA LEU A 366 13.47 -4.40 9.41
C LEU A 366 12.24 -4.25 10.30
N ALA A 367 11.61 -3.06 10.26
CA ALA A 367 10.47 -2.77 11.11
C ALA A 367 9.26 -3.60 10.73
N ALA A 368 9.08 -3.91 9.44
CA ALA A 368 7.98 -4.75 8.96
C ALA A 368 8.12 -6.20 9.41
N VAL A 369 9.35 -6.72 9.51
CA VAL A 369 9.61 -8.09 9.93
C VAL A 369 9.27 -8.28 11.41
N PHE A 370 9.60 -7.30 12.26
CA PHE A 370 9.31 -7.39 13.68
C PHE A 370 7.92 -6.83 14.03
N SER A 371 7.18 -6.32 13.05
CA SER A 371 5.84 -5.74 13.26
C SER A 371 4.91 -6.73 13.95
N GLY A 372 4.98 -8.01 13.59
CA GLY A 372 4.14 -9.04 14.16
C GLY A 372 4.38 -9.29 15.66
N LEU A 373 5.57 -8.97 16.18
CA LEU A 373 5.89 -9.19 17.58
C LEU A 373 5.35 -8.06 18.47
N VAL A 374 5.03 -6.90 17.88
CA VAL A 374 4.57 -5.76 18.64
C VAL A 374 3.04 -5.77 18.70
N ILE A 375 2.39 -6.12 17.58
CA ILE A 375 0.95 -6.06 17.45
C ILE A 375 0.24 -7.12 18.30
N GLU A 376 0.94 -8.21 18.65
CA GLU A 376 0.40 -9.27 19.50
C GLU A 376 0.51 -8.90 20.98
N HIS A 377 1.37 -7.94 21.34
CA HIS A 377 1.68 -7.66 22.74
C HIS A 377 0.90 -6.44 23.28
N LEU A 378 0.87 -5.33 22.55
CA LEU A 378 0.43 -4.06 23.12
C LEU A 378 -1.09 -3.88 23.01
N GLY A 379 -1.72 -4.44 21.97
CA GLY A 379 -3.12 -4.16 21.72
C GLY A 379 -3.28 -2.88 20.89
N ARG A 380 -4.47 -2.70 20.30
CA ARG A 380 -4.63 -1.81 19.16
C ARG A 380 -4.56 -0.35 19.59
N ARG A 381 -5.16 -0.01 20.74
CA ARG A 381 -5.34 1.39 21.12
C ARG A 381 -4.00 2.08 21.41
N PRO A 382 -3.10 1.61 22.31
CA PRO A 382 -1.81 2.28 22.51
C PRO A 382 -0.80 2.20 21.37
N LEU A 383 -0.91 1.20 20.48
CA LEU A 383 -0.08 1.16 19.28
C LEU A 383 -0.49 2.21 18.26
N LEU A 384 -1.79 2.41 18.06
CA LEU A 384 -2.26 3.35 17.05
C LEU A 384 -2.10 4.78 17.54
N ILE A 385 -2.42 5.07 18.81
CA ILE A 385 -2.27 6.41 19.37
C ILE A 385 -0.80 6.77 19.49
N GLY A 386 0.00 5.88 20.11
CA GLY A 386 1.42 6.12 20.30
C GLY A 386 2.22 6.06 18.99
N GLY A 387 1.68 5.41 17.96
CA GLY A 387 2.29 5.41 16.64
C GLY A 387 2.20 6.77 15.96
N PHE A 388 0.99 7.31 15.80
CA PHE A 388 0.80 8.64 15.24
C PHE A 388 1.42 9.70 16.17
N GLY A 389 1.27 9.52 17.48
CA GLY A 389 1.84 10.45 18.44
C GLY A 389 3.37 10.61 18.33
N LEU A 390 4.10 9.51 18.06
CA LEU A 390 5.54 9.55 17.90
C LEU A 390 5.91 10.15 16.54
N MET A 391 5.22 9.80 15.46
CA MET A 391 5.52 10.40 14.17
C MET A 391 5.37 11.94 14.24
N GLY A 392 4.31 12.41 14.89
CA GLY A 392 4.13 13.83 15.11
C GLY A 392 5.27 14.49 15.89
N LEU A 393 5.95 13.75 16.78
CA LEU A 393 7.10 14.25 17.50
C LEU A 393 8.33 14.31 16.58
N PHE A 394 8.56 13.27 15.76
CA PHE A 394 9.75 13.20 14.92
C PHE A 394 9.64 14.10 13.67
N PHE A 395 8.43 14.41 13.17
CA PHE A 395 8.27 15.48 12.19
C PHE A 395 8.56 16.85 12.83
N GLY A 396 8.37 16.97 14.15
CA GLY A 396 8.78 18.14 14.90
C GLY A 396 10.29 18.34 14.89
N THR A 397 11.05 17.32 15.35
CA THR A 397 12.49 17.44 15.44
C THR A 397 13.15 17.44 14.05
N LEU A 398 12.56 16.77 13.06
CA LEU A 398 13.01 16.90 11.69
C LEU A 398 12.93 18.37 11.24
N THR A 399 11.82 19.06 11.51
CA THR A 399 11.68 20.48 11.18
C THR A 399 12.76 21.36 11.82
N ILE A 400 13.17 21.04 13.07
CA ILE A 400 14.20 21.78 13.76
C ILE A 400 15.56 21.55 13.07
N THR A 401 15.89 20.29 12.77
CA THR A 401 17.19 19.94 12.21
C THR A 401 17.33 20.31 10.74
N LEU A 402 16.21 20.48 10.01
CA LEU A 402 16.24 21.08 8.68
C LEU A 402 16.48 22.59 8.79
N THR A 403 15.88 23.26 9.78
CA THR A 403 15.96 24.71 9.91
C THR A 403 17.36 25.13 10.37
N LEU A 404 17.93 24.45 11.36
CA LEU A 404 19.22 24.82 11.93
C LEU A 404 20.38 24.07 11.26
N GLN A 405 20.18 23.61 10.01
CA GLN A 405 21.13 22.75 9.32
C GLN A 405 22.47 23.44 9.07
N ASP A 406 22.50 24.79 9.16
CA ASP A 406 23.70 25.56 8.87
C ASP A 406 24.56 25.79 10.12
N HIS A 407 24.08 25.41 11.31
CA HIS A 407 24.72 25.80 12.56
C HIS A 407 25.95 24.95 12.88
N ALA A 408 25.93 23.69 12.45
CA ALA A 408 27.07 22.79 12.64
C ALA A 408 27.02 21.66 11.60
N PRO A 409 28.17 21.15 11.13
CA PRO A 409 28.19 20.21 9.99
C PRO A 409 27.60 18.82 10.26
N TRP A 410 27.39 18.46 11.54
CA TRP A 410 26.78 17.19 11.89
C TRP A 410 25.26 17.26 11.89
N VAL A 411 24.66 18.45 11.78
CA VAL A 411 23.22 18.58 11.97
C VAL A 411 22.44 17.88 10.85
N PRO A 412 22.79 18.00 9.55
CA PRO A 412 22.06 17.30 8.50
C PRO A 412 21.90 15.79 8.71
N TYR A 413 22.89 15.15 9.36
CA TYR A 413 22.84 13.71 9.61
C TYR A 413 21.80 13.38 10.68
N LEU A 414 21.45 14.33 11.56
CA LEU A 414 20.34 14.12 12.50
C LEU A 414 19.00 14.04 11.78
N SER A 415 18.88 14.65 10.59
CA SER A 415 17.66 14.53 9.80
C SER A 415 17.53 13.13 9.19
N ILE A 416 18.64 12.39 9.02
CA ILE A 416 18.56 10.99 8.61
C ILE A 416 17.94 10.16 9.75
N VAL A 417 18.46 10.33 10.97
CA VAL A 417 17.94 9.65 12.16
C VAL A 417 16.46 10.04 12.39
N GLY A 418 16.11 11.31 12.14
CA GLY A 418 14.74 11.77 12.17
C GLY A 418 13.82 11.07 11.18
N ILE A 419 14.23 10.95 9.92
CA ILE A 419 13.41 10.28 8.91
C ILE A 419 13.31 8.79 9.22
N LEU A 420 14.39 8.15 9.70
CA LEU A 420 14.36 6.73 10.02
C LEU A 420 13.47 6.44 11.23
N ALA A 421 13.44 7.33 12.24
CA ALA A 421 12.57 7.17 13.40
C ALA A 421 11.09 7.32 13.03
N ILE A 422 10.77 8.09 11.99
CA ILE A 422 9.41 8.19 11.45
C ILE A 422 9.02 6.87 10.81
N ILE A 423 9.90 6.28 10.00
CA ILE A 423 9.62 5.04 9.28
C ILE A 423 9.48 3.87 10.26
N ALA A 424 10.33 3.83 11.29
CA ALA A 424 10.27 2.78 12.31
C ALA A 424 9.02 2.93 13.18
N SER A 425 8.58 4.16 13.47
CA SER A 425 7.40 4.41 14.28
C SER A 425 6.11 4.00 13.57
N PHE A 426 6.04 4.22 12.26
CA PHE A 426 4.90 3.81 11.45
C PHE A 426 4.81 2.27 11.34
N CYS A 427 5.88 1.59 10.95
CA CYS A 427 5.83 0.16 10.65
C CYS A 427 5.70 -0.72 11.90
N SER A 428 6.13 -0.21 13.07
CA SER A 428 5.99 -0.95 14.32
C SER A 428 4.55 -0.96 14.84
N GLY A 429 3.68 -0.10 14.28
CA GLY A 429 2.34 0.11 14.82
C GLY A 429 1.29 0.42 13.74
N PRO A 430 1.05 1.71 13.44
CA PRO A 430 0.07 2.13 12.43
C PRO A 430 0.10 1.42 11.08
N GLY A 431 1.23 0.85 10.67
CA GLY A 431 1.37 0.19 9.39
C GLY A 431 0.32 -0.88 9.11
N GLY A 432 -0.10 -1.62 10.17
CA GLY A 432 -0.97 -2.79 10.04
C GLY A 432 -2.37 -2.61 10.62
N ILE A 433 -2.53 -1.80 11.68
CA ILE A 433 -3.70 -1.86 12.54
C ILE A 433 -4.97 -1.31 11.87
N PRO A 434 -4.96 -0.25 11.01
CA PRO A 434 -6.19 0.23 10.38
C PRO A 434 -7.07 -0.80 9.67
N PHE A 435 -6.46 -1.79 9.00
CA PHE A 435 -7.21 -2.82 8.31
C PHE A 435 -7.72 -3.90 9.28
N ILE A 436 -7.03 -4.07 10.41
CA ILE A 436 -7.48 -4.93 11.50
C ILE A 436 -8.73 -4.31 12.15
N LEU A 437 -8.69 -3.00 12.48
CA LEU A 437 -9.82 -2.34 13.11
C LEU A 437 -11.07 -2.38 12.24
N THR A 438 -10.92 -2.19 10.92
CA THR A 438 -12.05 -2.15 10.00
C THR A 438 -12.81 -3.49 10.02
N GLY A 439 -12.10 -4.58 10.34
CA GLY A 439 -12.74 -5.88 10.54
C GLY A 439 -13.42 -6.00 11.90
N GLU A 440 -12.76 -5.53 12.97
CA GLU A 440 -13.24 -5.70 14.33
C GLU A 440 -14.48 -4.84 14.64
N PHE A 441 -14.70 -3.75 13.88
CA PHE A 441 -15.80 -2.82 14.15
C PHE A 441 -17.16 -3.26 13.59
N PHE A 442 -17.18 -4.13 12.56
CA PHE A 442 -18.37 -4.34 11.75
C PHE A 442 -18.76 -5.83 11.65
N GLN A 443 -20.06 -6.11 11.55
CA GLN A 443 -20.58 -7.45 11.34
C GLN A 443 -20.25 -7.97 9.93
N GLN A 444 -20.42 -9.28 9.71
CA GLN A 444 -20.13 -9.90 8.42
C GLN A 444 -21.05 -9.38 7.30
N SER A 445 -22.22 -8.83 7.64
CA SER A 445 -23.13 -8.23 6.66
C SER A 445 -22.70 -6.82 6.25
N GLN A 446 -21.96 -6.13 7.13
CA GLN A 446 -21.53 -4.74 6.94
C GLN A 446 -20.11 -4.65 6.38
N ARG A 447 -19.33 -5.70 6.57
CA ARG A 447 -17.88 -5.67 6.38
C ARG A 447 -17.53 -5.47 4.92
N PRO A 448 -18.23 -6.06 3.91
CA PRO A 448 -17.96 -5.75 2.51
C PRO A 448 -18.06 -4.28 2.14
N ALA A 449 -19.06 -3.58 2.68
CA ALA A 449 -19.27 -2.17 2.39
C ALA A 449 -18.25 -1.31 3.13
N ALA A 450 -17.89 -1.67 4.37
CA ALA A 450 -16.94 -0.90 5.15
C ALA A 450 -15.58 -0.83 4.46
N PHE A 451 -15.14 -1.89 3.79
CA PHE A 451 -13.85 -1.92 3.12
C PHE A 451 -13.87 -1.18 1.78
N ILE A 452 -15.05 -0.92 1.18
CA ILE A 452 -15.15 -0.03 0.03
C ILE A 452 -14.93 1.41 0.48
N ILE A 453 -15.56 1.84 1.59
CA ILE A 453 -15.34 3.16 2.17
C ILE A 453 -13.86 3.31 2.53
N ALA A 454 -13.34 2.39 3.34
CA ALA A 454 -11.96 2.43 3.80
C ALA A 454 -10.95 2.46 2.65
N GLY A 455 -11.16 1.63 1.62
CA GLY A 455 -10.30 1.60 0.45
C GLY A 455 -10.38 2.86 -0.42
N THR A 456 -11.58 3.42 -0.61
CA THR A 456 -11.73 4.66 -1.35
C THR A 456 -10.98 5.80 -0.68
N VAL A 457 -11.14 5.95 0.65
CA VAL A 457 -10.50 7.03 1.40
C VAL A 457 -8.98 6.86 1.42
N ASN A 458 -8.50 5.61 1.39
CA ASN A 458 -7.08 5.29 1.32
C ASN A 458 -6.44 5.81 0.02
N TRP A 459 -6.98 5.42 -1.14
CA TRP A 459 -6.41 5.79 -2.42
C TRP A 459 -6.56 7.29 -2.73
N LEU A 460 -7.69 7.92 -2.37
CA LEU A 460 -7.86 9.35 -2.57
C LEU A 460 -6.88 10.16 -1.69
N SER A 461 -6.50 9.64 -0.53
CA SER A 461 -5.57 10.32 0.35
C SER A 461 -4.14 10.17 -0.16
N ASN A 462 -3.79 8.99 -0.69
CA ASN A 462 -2.48 8.74 -1.28
C ASN A 462 -2.25 9.63 -2.51
N PHE A 463 -3.29 9.81 -3.34
CA PHE A 463 -3.27 10.73 -4.46
C PHE A 463 -2.95 12.16 -3.99
N ALA A 464 -3.64 12.67 -2.97
CA ALA A 464 -3.47 14.04 -2.52
C ALA A 464 -2.05 14.31 -2.00
N VAL A 465 -1.46 13.35 -1.26
CA VAL A 465 -0.10 13.50 -0.77
C VAL A 465 0.89 13.49 -1.93
N GLY A 466 0.76 12.53 -2.85
CA GLY A 466 1.62 12.46 -4.02
C GLY A 466 1.56 13.72 -4.88
N LEU A 467 0.36 14.33 -5.01
CA LEU A 467 0.15 15.48 -5.88
C LEU A 467 0.61 16.78 -5.23
N LEU A 468 0.32 16.99 -3.94
CA LEU A 468 0.49 18.31 -3.32
C LEU A 468 1.86 18.50 -2.64
N PHE A 469 2.60 17.44 -2.30
CA PHE A 469 3.80 17.58 -1.48
C PHE A 469 4.82 18.52 -2.13
N PRO A 470 5.14 18.43 -3.45
CA PRO A 470 6.06 19.38 -4.08
C PRO A 470 5.66 20.86 -4.01
N PHE A 471 4.37 21.15 -3.81
CA PHE A 471 3.89 22.52 -3.68
C PHE A 471 3.95 22.99 -2.23
N ILE A 472 3.82 22.06 -1.27
CA ILE A 472 4.01 22.35 0.15
C ILE A 472 5.50 22.64 0.39
N GLN A 473 6.41 21.84 -0.20
CA GLN A 473 7.84 22.10 -0.14
C GLN A 473 8.22 23.45 -0.76
N LYS A 474 7.54 23.85 -1.83
CA LYS A 474 7.81 25.14 -2.48
C LYS A 474 7.39 26.28 -1.55
N SER A 475 6.21 26.16 -0.92
CA SER A 475 5.54 27.25 -0.23
C SER A 475 6.10 27.47 1.18
N LEU A 476 6.17 26.40 1.98
CA LEU A 476 6.61 26.47 3.37
C LEU A 476 8.12 26.27 3.50
N ASP A 477 8.79 25.84 2.43
CA ASP A 477 10.23 25.66 2.40
C ASP A 477 10.65 24.63 3.43
N THR A 478 11.24 25.09 4.54
CA THR A 478 11.83 24.21 5.54
C THR A 478 10.81 23.72 6.57
N TYR A 479 9.63 24.37 6.64
CA TYR A 479 8.60 24.01 7.60
C TYR A 479 7.56 23.05 7.00
N CYS A 480 7.84 22.44 5.86
CA CYS A 480 6.86 21.64 5.13
C CYS A 480 6.40 20.44 5.95
N PHE A 481 7.21 19.97 6.90
CA PHE A 481 6.84 18.79 7.68
C PHE A 481 5.93 19.15 8.87
N LEU A 482 5.72 20.44 9.19
CA LEU A 482 4.77 20.80 10.23
C LEU A 482 3.33 20.49 9.79
N VAL A 483 3.08 20.33 8.49
CA VAL A 483 1.79 19.90 7.99
C VAL A 483 1.51 18.47 8.46
N PHE A 484 2.48 17.57 8.27
CA PHE A 484 2.33 16.17 8.63
C PHE A 484 2.41 15.95 10.16
N ALA A 485 3.16 16.79 10.88
CA ALA A 485 3.10 16.83 12.32
C ALA A 485 1.68 17.15 12.80
N THR A 486 1.04 18.16 12.19
CA THR A 486 -0.29 18.60 12.60
C THR A 486 -1.33 17.52 12.32
N ILE A 487 -1.19 16.79 11.21
CA ILE A 487 -2.11 15.72 10.85
C ILE A 487 -1.92 14.49 11.76
N CYS A 488 -0.67 14.13 12.08
CA CYS A 488 -0.40 13.01 12.99
C CYS A 488 -0.95 13.30 14.39
N ILE A 489 -0.72 14.50 14.91
CA ILE A 489 -1.16 14.83 16.25
C ILE A 489 -2.68 14.98 16.29
N THR A 490 -3.31 15.55 15.25
CA THR A 490 -4.76 15.68 15.21
C THR A 490 -5.44 14.31 15.10
N GLY A 491 -4.84 13.39 14.34
CA GLY A 491 -5.31 12.01 14.28
C GLY A 491 -5.16 11.28 15.62
N ALA A 492 -4.01 11.43 16.28
CA ALA A 492 -3.74 10.79 17.56
C ALA A 492 -4.71 11.29 18.63
N ILE A 493 -4.97 12.60 18.70
CA ILE A 493 -5.87 13.15 19.71
C ILE A 493 -7.30 12.65 19.48
N TYR A 494 -7.76 12.57 18.22
CA TYR A 494 -9.06 11.99 17.92
C TYR A 494 -9.17 10.56 18.47
N LEU A 495 -8.22 9.68 18.12
CA LEU A 495 -8.27 8.28 18.51
C LEU A 495 -8.15 8.12 20.03
N TYR A 496 -7.47 9.01 20.75
CA TYR A 496 -7.42 8.92 22.20
C TYR A 496 -8.83 9.08 22.80
N PHE A 497 -9.66 9.97 22.26
CA PHE A 497 -10.99 10.24 22.80
C PHE A 497 -12.07 9.28 22.30
N VAL A 498 -12.00 8.80 21.04
CA VAL A 498 -13.10 8.03 20.46
C VAL A 498 -12.85 6.52 20.53
N LEU A 499 -11.65 6.05 20.17
CA LEU A 499 -11.41 4.64 19.86
C LEU A 499 -11.52 3.76 21.10
N PRO A 500 -12.44 2.76 21.15
CA PRO A 500 -12.48 1.80 22.26
C PRO A 500 -11.45 0.70 22.09
N GLU A 501 -11.01 0.12 23.21
CA GLU A 501 -10.08 -0.99 23.20
C GLU A 501 -10.75 -2.22 22.57
N THR A 502 -10.10 -2.82 21.56
CA THR A 502 -10.68 -3.93 20.81
C THR A 502 -9.92 -5.25 20.98
N LYS A 503 -8.70 -5.24 21.54
CA LYS A 503 -7.93 -6.48 21.64
C LYS A 503 -8.62 -7.46 22.59
N ASN A 504 -8.82 -8.70 22.09
CA ASN A 504 -9.44 -9.81 22.82
C ASN A 504 -10.91 -9.53 23.18
N ARG A 505 -11.59 -8.65 22.42
CA ARG A 505 -12.97 -8.27 22.74
C ARG A 505 -13.93 -8.55 21.59
N THR A 506 -15.19 -8.81 21.96
CA THR A 506 -16.23 -9.27 21.04
C THR A 506 -16.98 -8.10 20.42
N TYR A 507 -17.65 -8.34 19.28
CA TYR A 507 -18.46 -7.31 18.62
C TYR A 507 -19.54 -6.80 19.57
N ALA A 508 -20.07 -7.68 20.42
CA ALA A 508 -21.11 -7.34 21.39
C ALA A 508 -20.64 -6.32 22.44
N GLU A 509 -19.33 -6.28 22.73
CA GLU A 509 -18.76 -5.32 23.67
C GLU A 509 -18.30 -4.05 22.96
N ILE A 510 -17.67 -4.18 21.78
CA ILE A 510 -17.13 -3.05 21.04
C ILE A 510 -18.28 -2.16 20.54
N SER A 511 -19.36 -2.76 20.02
CA SER A 511 -20.50 -1.99 19.55
C SER A 511 -21.20 -1.29 20.72
N GLN A 512 -21.21 -1.91 21.90
CA GLN A 512 -21.78 -1.30 23.09
C GLN A 512 -20.91 -0.13 23.56
N ALA A 513 -19.58 -0.20 23.40
CA ALA A 513 -18.67 0.89 23.74
C ALA A 513 -18.90 2.12 22.84
N PHE A 514 -19.14 1.91 21.54
CA PHE A 514 -19.48 3.00 20.64
C PHE A 514 -20.90 3.54 20.88
N SER A 515 -21.81 2.72 21.42
CA SER A 515 -23.23 3.08 21.52
C SER A 515 -23.48 4.32 22.39
N LYS A 516 -22.52 4.68 23.27
CA LYS A 516 -22.63 5.84 24.12
C LYS A 516 -22.63 7.15 23.33
N ARG A 517 -22.10 7.14 22.09
CA ARG A 517 -22.02 8.35 21.28
C ARG A 517 -22.82 8.22 19.97
N ASN A 518 -23.11 7.00 19.50
CA ASN A 518 -24.06 6.78 18.42
C ASN A 518 -25.46 7.20 18.84
N LYS A 519 -25.82 6.94 20.11
CA LYS A 519 -27.12 7.25 20.70
C LYS A 519 -28.27 6.53 19.97
N ALA A 520 -27.96 5.39 19.33
CA ALA A 520 -28.91 4.65 18.52
C ALA A 520 -28.51 3.17 18.45
N TYR A 521 -29.48 2.31 18.08
CA TYR A 521 -29.29 0.86 18.04
C TYR A 521 -29.95 0.29 16.77
N PRO A 522 -29.48 -0.88 16.26
CA PRO A 522 -30.05 -1.48 15.05
C PRO A 522 -31.59 -1.64 15.06
#